data_3SHT
#
_entry.id   3SHT
#
_cell.length_a   46.469
_cell.length_b   113.665
_cell.length_c   74.582
_cell.angle_alpha   90.000
_cell.angle_beta   91.040
_cell.angle_gamma   90.000
#
_symmetry.space_group_name_H-M   'P 1 21 1'
#
loop_
_entity.id
_entity.type
_entity.pdbx_description
1 polymer Microcephalin
2 water water
#
_entity_poly.entity_id   1
_entity_poly.type   'polypeptide(L)'
_entity_poly.pdbx_seq_one_letter_code
;MGHHHHHHMKSGRGKKPTRTLVMTSMPSEKQNVVIQVVDKLKGFSIAPDVCETTTHVLSGKPLRTLNVLLGIARGCWVLS
YDWVLWSLELGHWISEEPFELSHHFPAAPLCRSECHLSAGPYRGTLFADQPAMFVSPASSPPVAKLCELVHLCGGRVSQV
PRQASIVIGPYSGKKKATVKYLSEKWVLDSITQHKVCAPENYLLSQ
;
_entity_poly.pdbx_strand_id   A,B,C
#
# COMPACT_ATOMS: atom_id res chain seq x y z
N PRO A 17 0.91 -7.77 22.85
CA PRO A 17 0.55 -7.71 21.42
C PRO A 17 1.33 -8.69 20.53
N THR A 18 0.65 -9.21 19.51
CA THR A 18 1.20 -10.11 18.49
C THR A 18 2.27 -9.39 17.60
N ARG A 19 1.98 -8.16 17.19
CA ARG A 19 2.95 -7.30 16.49
C ARG A 19 4.25 -7.12 17.29
N THR A 20 5.39 -7.35 16.64
CA THR A 20 6.69 -7.27 17.29
C THR A 20 7.59 -6.12 16.83
N LEU A 21 8.45 -5.69 17.76
CA LEU A 21 9.50 -4.76 17.48
C LEU A 21 10.82 -5.46 17.82
N VAL A 22 11.87 -5.23 17.02
CA VAL A 22 13.15 -5.89 17.22
C VAL A 22 14.25 -4.85 17.39
N MET A 23 15.09 -5.03 18.41
CA MET A 23 16.22 -4.13 18.61
C MET A 23 17.48 -4.76 18.10
N THR A 24 18.36 -3.95 17.53
CA THR A 24 19.63 -4.45 17.03
C THR A 24 20.75 -3.42 17.24
N SER A 25 22.00 -3.89 17.38
CA SER A 25 23.13 -3.02 17.72
C SER A 25 22.80 -2.00 18.83
N MET A 26 22.14 -2.47 19.87
CA MET A 26 21.52 -1.62 20.87
C MET A 26 22.20 -1.90 22.22
N PRO A 27 22.95 -0.94 22.74
CA PRO A 27 23.55 -1.07 24.09
C PRO A 27 22.48 -1.27 25.15
N SER A 28 22.82 -2.05 26.18
CA SER A 28 21.85 -2.47 27.18
C SER A 28 21.14 -1.28 27.90
N GLU A 29 21.76 -0.11 28.01
CA GLU A 29 21.09 1.00 28.69
C GLU A 29 19.99 1.62 27.79
N LYS A 30 20.19 1.57 26.48
CA LYS A 30 19.13 1.97 25.56
C LYS A 30 18.08 0.89 25.49
N GLN A 31 18.50 -0.39 25.55
CA GLN A 31 17.53 -1.47 25.58
C GLN A 31 16.57 -1.33 26.74
N ASN A 32 17.10 -0.83 27.86
CA ASN A 32 16.31 -0.66 29.05
C ASN A 32 15.23 0.37 28.85
N VAL A 33 15.59 1.50 28.24
CA VAL A 33 14.62 2.54 27.90
C VAL A 33 13.51 2.00 26.98
N VAL A 34 13.89 1.26 25.93
CA VAL A 34 12.90 0.69 24.99
C VAL A 34 11.89 -0.22 25.69
N ILE A 35 12.38 -1.14 26.51
CA ILE A 35 11.47 -2.02 27.28
C ILE A 35 10.46 -1.22 28.14
N GLN A 36 10.96 -0.18 28.80
CA GLN A 36 10.09 0.68 29.62
C GLN A 36 9.07 1.45 28.79
N VAL A 37 9.52 2.00 27.65
CA VAL A 37 8.64 2.76 26.75
C VAL A 37 7.54 1.83 26.16
N VAL A 38 7.94 0.63 25.72
CA VAL A 38 6.99 -0.34 25.18
C VAL A 38 5.93 -0.74 26.24
N ASP A 39 6.40 -0.98 27.46
CA ASP A 39 5.53 -1.27 28.61
C ASP A 39 4.50 -0.13 28.83
N LYS A 40 4.94 1.10 28.68
CA LYS A 40 4.04 2.26 28.87
C LYS A 40 3.16 2.58 27.65
N LEU A 41 3.73 2.53 26.45
CA LEU A 41 2.93 2.92 25.27
C LEU A 41 2.09 1.80 24.64
N LYS A 42 2.41 0.55 24.97
CA LYS A 42 1.73 -0.66 24.45
C LYS A 42 1.89 -0.81 22.92
N GLY A 43 1.08 -1.67 22.31
CA GLY A 43 1.07 -1.82 20.86
C GLY A 43 2.10 -2.79 20.27
N PHE A 44 3.15 -3.13 21.04
CA PHE A 44 4.20 -4.04 20.59
C PHE A 44 4.59 -5.10 21.61
N SER A 45 5.01 -6.28 21.16
CA SER A 45 5.89 -7.13 21.97
C SER A 45 7.30 -7.04 21.44
N ILE A 46 8.29 -7.04 22.34
CA ILE A 46 9.68 -7.05 21.91
C ILE A 46 10.11 -8.49 21.61
N ALA A 47 10.66 -8.72 20.41
CA ALA A 47 11.17 -10.03 20.02
C ALA A 47 12.68 -9.97 19.73
N PRO A 48 13.39 -11.10 19.93
CA PRO A 48 14.83 -11.10 19.67
C PRO A 48 15.18 -11.10 18.18
N ASP A 49 14.31 -11.64 17.34
CA ASP A 49 14.63 -11.76 15.90
C ASP A 49 13.46 -11.33 15.07
N VAL A 50 13.78 -10.69 13.94
CA VAL A 50 12.76 -10.27 12.98
C VAL A 50 12.04 -11.49 12.45
N CYS A 51 10.70 -11.46 12.48
CA CYS A 51 9.89 -12.54 11.98
C CYS A 51 8.62 -11.98 11.32
N GLU A 52 7.67 -12.86 11.00
CA GLU A 52 6.44 -12.48 10.28
C GLU A 52 5.62 -11.38 10.94
N THR A 53 5.75 -11.23 12.25
CA THR A 53 4.97 -10.24 12.97
C THR A 53 5.71 -8.90 13.16
N THR A 54 6.98 -8.84 12.80
CA THR A 54 7.79 -7.65 13.04
C THR A 54 7.46 -6.52 12.07
N THR A 55 7.13 -5.35 12.59
CA THR A 55 6.90 -4.18 11.73
C THR A 55 7.99 -3.12 11.90
N HIS A 56 8.74 -3.21 13.01
CA HIS A 56 9.67 -2.12 13.38
C HIS A 56 10.94 -2.74 13.88
N VAL A 57 12.06 -2.24 13.37
CA VAL A 57 13.41 -2.67 13.78
C VAL A 57 14.09 -1.40 14.25
N LEU A 58 14.63 -1.41 15.46
CA LEU A 58 15.34 -0.24 16.02
C LEU A 58 16.84 -0.50 16.12
N SER A 59 17.64 0.33 15.48
CA SER A 59 19.09 0.14 15.45
C SER A 59 19.82 1.19 16.32
N GLY A 60 20.75 0.72 17.15
CA GLY A 60 21.47 1.60 18.08
C GLY A 60 22.67 2.24 17.41
N LYS A 61 23.26 1.52 16.47
CA LYS A 61 24.42 1.96 15.72
C LYS A 61 24.20 1.51 14.29
N PRO A 62 24.72 2.27 13.30
CA PRO A 62 24.40 2.06 11.89
C PRO A 62 25.08 0.85 11.23
N LEU A 63 24.76 -0.36 11.72
CA LEU A 63 25.46 -1.56 11.30
C LEU A 63 24.51 -2.56 10.63
N ARG A 64 25.00 -3.19 9.57
CA ARG A 64 24.22 -4.17 8.81
C ARG A 64 24.17 -5.53 9.50
N THR A 65 23.38 -5.64 10.56
CA THR A 65 23.17 -6.92 11.19
C THR A 65 22.23 -7.79 10.40
N LEU A 66 22.14 -9.07 10.78
CA LEU A 66 21.17 -9.96 10.18
C LEU A 66 19.74 -9.45 10.40
N ASN A 67 19.47 -8.92 11.59
CA ASN A 67 18.14 -8.35 11.85
C ASN A 67 17.83 -7.14 10.99
N VAL A 68 18.83 -6.28 10.73
CA VAL A 68 18.62 -5.20 9.75
C VAL A 68 18.26 -5.78 8.35
N LEU A 69 19.06 -6.74 7.89
CA LEU A 69 18.82 -7.42 6.59
C LEU A 69 17.43 -8.02 6.49
N LEU A 70 17.02 -8.76 7.51
CA LEU A 70 15.68 -9.35 7.54
C LEU A 70 14.59 -8.26 7.59
N GLY A 71 14.86 -7.19 8.35
CA GLY A 71 13.91 -6.09 8.46
C GLY A 71 13.69 -5.44 7.11
N ILE A 72 14.78 -5.19 6.39
CA ILE A 72 14.70 -4.71 5.01
C ILE A 72 13.92 -5.65 4.08
N ALA A 73 14.28 -6.94 4.09
CA ALA A 73 13.60 -7.95 3.25
C ALA A 73 12.10 -7.95 3.49
N ARG A 74 11.69 -7.72 4.74
CA ARG A 74 10.27 -7.70 5.09
C ARG A 74 9.61 -6.30 4.97
N GLY A 75 10.36 -5.29 4.58
CA GLY A 75 9.77 -3.96 4.46
C GLY A 75 9.37 -3.36 5.81
N CYS A 76 10.11 -3.71 6.87
CA CYS A 76 9.94 -3.08 8.18
C CYS A 76 10.41 -1.61 8.18
N TRP A 77 9.93 -0.85 9.15
CA TRP A 77 10.52 0.42 9.51
C TRP A 77 11.89 0.08 10.17
N VAL A 78 12.96 0.64 9.65
CA VAL A 78 14.28 0.47 10.28
C VAL A 78 14.64 1.85 10.80
N LEU A 79 14.58 1.99 12.12
CA LEU A 79 14.52 3.32 12.74
C LEU A 79 15.64 3.54 13.74
N SER A 80 15.97 4.80 13.96
CA SER A 80 16.84 5.11 15.10
C SER A 80 16.11 5.07 16.47
N TYR A 81 16.91 4.85 17.51
CA TYR A 81 16.49 4.93 18.90
C TYR A 81 15.73 6.20 19.22
N ASP A 82 16.09 7.30 18.57
CA ASP A 82 15.44 8.59 18.77
C ASP A 82 13.89 8.55 18.60
N TRP A 83 13.38 7.59 17.82
CA TRP A 83 11.92 7.46 17.60
C TRP A 83 11.26 7.05 18.92
N VAL A 84 11.97 6.21 19.67
CA VAL A 84 11.48 5.78 20.97
C VAL A 84 11.50 6.97 21.95
N LEU A 85 12.55 7.77 21.92
CA LEU A 85 12.67 8.90 22.88
C LEU A 85 11.59 9.96 22.64
N TRP A 86 11.37 10.30 21.37
CA TRP A 86 10.34 11.26 21.03
C TRP A 86 8.93 10.75 21.23
N SER A 87 8.72 9.46 21.03
CA SER A 87 7.44 8.85 21.31
C SER A 87 7.11 8.89 22.81
N LEU A 88 8.09 8.56 23.65
CA LEU A 88 7.89 8.71 25.12
C LEU A 88 7.51 10.18 25.49
N GLU A 89 8.29 11.14 24.98
CA GLU A 89 8.05 12.57 25.19
C GLU A 89 6.66 13.03 24.80
N LEU A 90 6.16 12.52 23.69
CA LEU A 90 4.92 13.01 23.15
C LEU A 90 3.75 12.16 23.59
N GLY A 91 4.02 11.06 24.29
CA GLY A 91 2.98 10.27 24.93
C GLY A 91 2.37 9.12 24.11
N HIS A 92 2.87 8.91 22.89
CA HIS A 92 2.30 7.87 22.01
C HIS A 92 3.31 7.62 20.91
N TRP A 93 3.10 6.53 20.16
CA TRP A 93 3.96 6.20 19.03
C TRP A 93 3.73 7.24 17.93
N ILE A 94 4.80 7.83 17.45
CA ILE A 94 4.72 8.92 16.49
C ILE A 94 5.16 8.48 15.09
N SER A 95 5.07 9.40 14.15
CA SER A 95 5.47 9.07 12.76
C SER A 95 6.89 8.55 12.69
N GLU A 96 7.06 7.46 11.94
CA GLU A 96 8.33 6.76 11.86
C GLU A 96 9.31 7.38 10.87
N GLU A 97 8.81 7.88 9.74
CA GLU A 97 9.71 8.30 8.63
C GLU A 97 10.82 9.32 9.00
N PRO A 98 10.54 10.29 9.88
CA PRO A 98 11.64 11.21 10.26
C PRO A 98 12.80 10.48 10.93
N PHE A 99 12.58 9.25 11.39
CA PHE A 99 13.61 8.48 12.09
C PHE A 99 14.16 7.31 11.28
N GLU A 100 13.67 7.17 10.05
CA GLU A 100 14.02 6.01 9.24
C GLU A 100 15.49 6.12 8.82
N LEU A 101 16.23 5.02 8.89
CA LEU A 101 17.70 5.05 8.70
C LEU A 101 18.11 4.93 7.22
N SER A 102 17.54 5.84 6.44
CA SER A 102 17.69 5.86 4.97
C SER A 102 19.10 6.14 4.47
N HIS A 103 19.86 6.98 5.18
CA HIS A 103 21.26 7.29 4.81
C HIS A 103 22.14 6.05 4.94
N HIS A 104 22.02 5.34 6.06
CA HIS A 104 22.81 4.11 6.27
C HIS A 104 22.32 2.94 5.47
N PHE A 105 20.99 2.83 5.31
CA PHE A 105 20.41 1.73 4.55
C PHE A 105 19.38 2.17 3.49
N PRO A 106 19.87 2.63 2.30
CA PRO A 106 18.99 3.16 1.26
C PRO A 106 17.87 2.22 0.86
N ALA A 107 18.06 0.91 1.00
CA ALA A 107 17.02 -0.04 0.66
C ALA A 107 15.85 -0.02 1.64
N ALA A 108 16.12 0.39 2.87
CA ALA A 108 15.07 0.36 3.90
C ALA A 108 13.75 1.12 3.52
N PRO A 109 13.81 2.44 3.17
CA PRO A 109 12.55 3.13 2.82
C PRO A 109 11.92 2.59 1.54
N LEU A 110 12.75 2.05 0.62
CA LEU A 110 12.26 1.48 -0.63
C LEU A 110 11.39 0.28 -0.38
N CYS A 111 11.89 -0.67 0.42
CA CYS A 111 11.08 -1.84 0.75
C CYS A 111 9.89 -1.55 1.66
N ARG A 112 10.10 -0.66 2.63
CA ARG A 112 9.06 -0.27 3.55
C ARG A 112 7.89 0.37 2.74
N SER A 113 8.25 1.23 1.80
CA SER A 113 7.24 1.91 0.98
C SER A 113 6.45 0.88 0.12
N GLU A 114 7.17 -0.01 -0.58
CA GLU A 114 6.58 -1.12 -1.38
C GLU A 114 5.63 -1.91 -0.52
N CYS A 115 6.07 -2.20 0.70
CA CYS A 115 5.31 -3.04 1.61
C CYS A 115 3.98 -2.40 2.02
N HIS A 116 4.02 -1.14 2.45
CA HIS A 116 2.79 -0.46 2.87
C HIS A 116 1.82 -0.18 1.73
N LEU A 117 2.33 0.01 0.52
CA LEU A 117 1.50 0.20 -0.70
C LEU A 117 1.03 -1.11 -1.30
N SER A 118 1.41 -2.23 -0.69
CA SER A 118 1.09 -3.52 -1.24
C SER A 118 -0.36 -3.80 -0.94
N ALA A 119 -1.09 -4.21 -1.98
CA ALA A 119 -2.52 -4.46 -1.83
C ALA A 119 -2.79 -5.69 -0.94
N GLY A 120 -2.04 -6.77 -1.17
CA GLY A 120 -2.16 -7.98 -0.32
C GLY A 120 -0.91 -8.21 0.52
N PRO A 121 -0.58 -9.49 0.84
CA PRO A 121 0.65 -9.83 1.55
C PRO A 121 1.88 -9.37 0.78
N TYR A 122 2.82 -8.73 1.46
CA TYR A 122 4.02 -8.22 0.75
C TYR A 122 5.05 -9.29 0.57
N ARG A 123 5.63 -9.32 -0.63
CA ARG A 123 6.88 -10.04 -0.86
C ARG A 123 7.73 -9.26 -1.85
N GLY A 124 9.02 -9.11 -1.55
CA GLY A 124 9.92 -8.36 -2.43
C GLY A 124 10.12 -9.06 -3.77
N THR A 125 10.57 -8.31 -4.76
CA THR A 125 10.75 -8.86 -6.10
C THR A 125 12.16 -8.66 -6.60
N LEU A 126 13.06 -8.26 -5.71
CA LEU A 126 14.44 -8.02 -6.12
C LEU A 126 15.04 -9.18 -6.94
N PHE A 127 14.82 -10.41 -6.50
CA PHE A 127 15.42 -11.57 -7.12
C PHE A 127 14.43 -12.33 -8.02
N ALA A 128 13.29 -11.73 -8.35
CA ALA A 128 12.21 -12.43 -9.08
C ALA A 128 12.64 -12.85 -10.47
N ASP A 129 13.58 -12.13 -11.07
CA ASP A 129 14.11 -12.50 -12.41
C ASP A 129 15.41 -13.31 -12.39
N GLN A 130 15.81 -13.73 -11.20
CA GLN A 130 17.04 -14.49 -11.05
C GLN A 130 16.78 -15.98 -11.10
N PRO A 131 17.73 -16.76 -11.63
CA PRO A 131 17.59 -18.22 -11.57
C PRO A 131 17.59 -18.72 -10.11
N ALA A 132 17.15 -19.96 -9.90
CA ALA A 132 17.18 -20.58 -8.57
C ALA A 132 18.59 -20.69 -8.04
N MET A 133 18.71 -20.51 -6.72
CA MET A 133 20.01 -20.51 -6.09
C MET A 133 20.22 -21.67 -5.12
N PHE A 134 21.38 -22.30 -5.19
CA PHE A 134 21.77 -23.27 -4.17
C PHE A 134 22.60 -22.50 -3.18
N VAL A 135 22.22 -22.58 -1.91
CA VAL A 135 22.96 -21.89 -0.85
C VAL A 135 23.89 -22.88 -0.11
N SER A 136 25.21 -22.60 -0.07
CA SER A 136 26.16 -23.45 0.69
C SER A 136 25.73 -23.72 2.16
N PRO A 137 25.81 -24.99 2.62
CA PRO A 137 25.48 -25.19 4.04
C PRO A 137 26.46 -24.47 4.99
N ALA A 138 27.61 -24.07 4.46
CA ALA A 138 28.68 -23.43 5.22
C ALA A 138 28.65 -21.92 5.12
N SER A 139 27.55 -21.40 4.59
CA SER A 139 27.45 -19.99 4.31
C SER A 139 27.36 -19.15 5.59
N SER A 140 27.77 -17.90 5.50
CA SER A 140 27.54 -16.94 6.56
C SER A 140 26.92 -15.69 5.92
N PRO A 141 25.78 -15.23 6.44
CA PRO A 141 25.09 -15.72 7.64
C PRO A 141 24.61 -17.16 7.49
N PRO A 142 24.09 -17.76 8.57
CA PRO A 142 23.66 -19.15 8.51
C PRO A 142 22.68 -19.47 7.38
N VAL A 143 22.89 -20.65 6.80
CA VAL A 143 22.20 -21.06 5.59
C VAL A 143 20.68 -20.89 5.68
N ALA A 144 20.04 -21.32 6.79
CA ALA A 144 18.57 -21.17 6.91
C ALA A 144 18.10 -19.69 6.80
N LYS A 145 18.90 -18.81 7.39
CA LYS A 145 18.66 -17.35 7.34
C LYS A 145 18.99 -16.74 5.99
N LEU A 146 20.09 -17.19 5.38
CA LEU A 146 20.44 -16.67 4.07
C LEU A 146 19.35 -17.11 3.06
N CYS A 147 18.85 -18.33 3.22
CA CYS A 147 17.75 -18.81 2.37
C CYS A 147 16.46 -18.03 2.58
N GLU A 148 16.20 -17.71 3.86
CA GLU A 148 15.03 -16.90 4.19
C GLU A 148 15.09 -15.55 3.49
N LEU A 149 16.26 -14.92 3.51
CA LEU A 149 16.50 -13.62 2.84
C LEU A 149 16.24 -13.69 1.32
N VAL A 150 16.82 -14.69 0.69
CA VAL A 150 16.60 -14.95 -0.76
C VAL A 150 15.11 -15.10 -1.03
N HIS A 151 14.43 -15.93 -0.26
CA HIS A 151 13.00 -16.13 -0.48
C HIS A 151 12.14 -14.87 -0.29
N LEU A 152 12.36 -14.17 0.82
CA LEU A 152 11.67 -12.93 1.13
C LEU A 152 11.84 -11.83 0.08
N CYS A 153 13.00 -11.80 -0.56
CA CYS A 153 13.30 -10.82 -1.62
C CYS A 153 12.93 -11.34 -3.05
N GLY A 154 12.16 -12.42 -3.10
CA GLY A 154 11.47 -12.85 -4.32
C GLY A 154 12.21 -13.93 -5.12
N GLY A 155 13.30 -14.44 -4.57
CA GLY A 155 14.10 -15.44 -5.26
C GLY A 155 13.67 -16.86 -4.91
N ARG A 156 14.23 -17.82 -5.65
CA ARG A 156 13.92 -19.24 -5.48
C ARG A 156 15.18 -19.95 -4.99
N VAL A 157 15.02 -20.81 -3.98
CA VAL A 157 16.13 -21.55 -3.41
C VAL A 157 16.08 -23.03 -3.87
N SER A 158 17.19 -23.55 -4.40
CA SER A 158 17.26 -24.96 -4.78
C SER A 158 17.83 -25.81 -3.65
N GLN A 159 17.20 -26.97 -3.43
CA GLN A 159 17.61 -27.88 -2.37
C GLN A 159 18.93 -28.63 -2.64
N VAL A 160 19.28 -28.79 -3.93
CA VAL A 160 20.52 -29.46 -4.34
C VAL A 160 21.27 -28.62 -5.39
N PRO A 161 22.60 -28.83 -5.52
CA PRO A 161 23.37 -28.10 -6.54
C PRO A 161 23.01 -28.50 -7.98
N ARG A 162 22.62 -29.77 -8.15
CA ARG A 162 22.27 -30.29 -9.47
C ARG A 162 21.24 -29.39 -10.14
N GLN A 163 21.58 -28.94 -11.35
CA GLN A 163 20.70 -28.09 -12.14
C GLN A 163 20.54 -26.64 -11.66
N ALA A 164 21.26 -26.21 -10.62
CA ALA A 164 21.13 -24.83 -10.12
C ALA A 164 22.12 -23.93 -10.87
N SER A 165 21.67 -22.75 -11.28
CA SER A 165 22.50 -21.84 -12.11
C SER A 165 23.43 -20.99 -11.26
N ILE A 166 23.06 -20.84 -10.00
CA ILE A 166 23.81 -19.98 -9.07
C ILE A 166 24.04 -20.78 -7.79
N VAL A 167 25.28 -20.75 -7.33
CA VAL A 167 25.68 -21.41 -6.11
C VAL A 167 26.32 -20.33 -5.24
N ILE A 168 25.79 -20.22 -4.04
CA ILE A 168 26.16 -19.13 -3.13
C ILE A 168 26.97 -19.66 -1.95
N GLY A 169 28.08 -19.00 -1.64
CA GLY A 169 28.89 -19.35 -0.46
C GLY A 169 29.99 -20.37 -0.72
N PRO A 170 30.65 -20.84 0.36
CA PRO A 170 31.78 -21.77 0.21
C PRO A 170 31.37 -23.06 -0.48
N TYR A 171 32.14 -23.43 -1.50
CA TYR A 171 31.83 -24.60 -2.30
C TYR A 171 33.12 -25.23 -2.82
N SER A 172 33.46 -26.39 -2.27
CA SER A 172 34.72 -27.05 -2.65
C SER A 172 34.48 -28.25 -3.58
N GLY A 173 33.21 -28.50 -3.91
CA GLY A 173 32.83 -29.57 -4.83
C GLY A 173 33.15 -29.27 -6.29
N LYS A 174 32.60 -30.11 -7.17
CA LYS A 174 32.87 -30.04 -8.59
C LYS A 174 32.17 -28.85 -9.17
N LYS A 175 32.91 -28.07 -9.95
CA LYS A 175 32.39 -26.83 -10.50
C LYS A 175 32.09 -26.95 -11.98
N LYS A 176 31.03 -26.28 -12.42
CA LYS A 176 30.65 -26.32 -13.82
C LYS A 176 30.79 -24.94 -14.44
N ALA A 177 31.20 -24.92 -15.70
CA ALA A 177 31.45 -23.69 -16.40
C ALA A 177 30.16 -22.91 -16.66
N THR A 178 29.01 -23.58 -16.60
CA THR A 178 27.75 -22.89 -16.85
C THR A 178 27.02 -22.48 -15.56
N VAL A 179 27.69 -22.59 -14.42
CA VAL A 179 27.14 -22.19 -13.11
C VAL A 179 27.91 -20.97 -12.61
N LYS A 180 27.22 -20.06 -11.93
CA LYS A 180 27.89 -18.95 -11.26
C LYS A 180 28.11 -19.24 -9.77
N TYR A 181 29.37 -19.09 -9.34
CA TYR A 181 29.78 -19.29 -7.93
C TYR A 181 30.06 -17.97 -7.27
N LEU A 182 29.13 -17.55 -6.42
CA LEU A 182 29.08 -16.17 -5.90
C LEU A 182 29.15 -16.16 -4.36
N SER A 183 29.84 -15.17 -3.79
CA SER A 183 29.90 -15.06 -2.32
C SER A 183 28.55 -14.64 -1.75
N GLU A 184 28.33 -14.91 -0.45
CA GLU A 184 27.10 -14.54 0.21
C GLU A 184 26.92 -13.03 0.09
N LYS A 185 28.05 -12.31 -0.05
CA LYS A 185 28.04 -10.86 -0.08
C LYS A 185 27.26 -10.35 -1.28
N TRP A 186 27.12 -11.19 -2.30
CA TRP A 186 26.37 -10.83 -3.51
C TRP A 186 24.88 -10.66 -3.16
N VAL A 187 24.34 -11.61 -2.39
CA VAL A 187 22.97 -11.51 -1.89
C VAL A 187 22.81 -10.29 -0.98
N LEU A 188 23.69 -10.14 0.02
CA LEU A 188 23.54 -9.09 1.00
C LEU A 188 23.66 -7.71 0.37
N ASP A 189 24.68 -7.49 -0.47
CA ASP A 189 24.82 -6.19 -1.13
C ASP A 189 23.66 -5.88 -2.07
N SER A 190 23.09 -6.90 -2.70
CA SER A 190 21.94 -6.72 -3.57
C SER A 190 20.74 -6.23 -2.75
N ILE A 191 20.54 -6.88 -1.60
CA ILE A 191 19.48 -6.50 -0.70
C ILE A 191 19.65 -5.05 -0.20
N THR A 192 20.86 -4.68 0.22
CA THR A 192 21.05 -3.32 0.77
C THR A 192 21.10 -2.21 -0.28
N GLN A 193 21.50 -2.54 -1.50
CA GLN A 193 21.43 -1.55 -2.59
C GLN A 193 20.09 -1.58 -3.35
N HIS A 194 19.19 -2.49 -2.96
CA HIS A 194 17.90 -2.70 -3.63
C HIS A 194 18.10 -2.82 -5.15
N LYS A 195 19.20 -3.43 -5.56
CA LYS A 195 19.48 -3.69 -6.97
C LYS A 195 20.36 -4.93 -7.02
N VAL A 196 20.11 -5.81 -7.99
CA VAL A 196 20.96 -6.99 -8.13
C VAL A 196 22.35 -6.56 -8.57
N CYS A 197 23.35 -6.89 -7.76
CA CYS A 197 24.71 -6.48 -8.04
C CYS A 197 25.29 -7.22 -9.25
N ALA A 198 26.24 -6.58 -9.93
CA ALA A 198 27.01 -7.27 -10.97
C ALA A 198 27.79 -8.39 -10.30
N PRO A 199 27.71 -9.61 -10.85
CA PRO A 199 28.40 -10.77 -10.28
C PRO A 199 29.93 -10.69 -10.27
N GLU A 200 30.51 -9.96 -11.22
CA GLU A 200 31.98 -9.90 -11.42
C GLU A 200 32.79 -9.86 -10.13
N ASN A 201 32.46 -8.92 -9.25
CA ASN A 201 33.23 -8.72 -8.02
C ASN A 201 32.92 -9.69 -6.87
N TYR A 202 32.01 -10.64 -7.09
CA TYR A 202 31.61 -11.59 -6.02
C TYR A 202 31.95 -13.03 -6.35
N LEU A 203 32.70 -13.22 -7.42
CA LEU A 203 33.02 -14.56 -7.89
C LEU A 203 33.94 -15.28 -6.93
N LEU A 204 33.56 -16.53 -6.62
CA LEU A 204 34.22 -17.48 -5.71
C LEU A 204 33.95 -17.24 -4.22
N THR B 18 -10.49 -9.79 -25.80
CA THR B 18 -10.53 -8.43 -25.21
C THR B 18 -9.18 -7.71 -25.10
N ARG B 19 -8.04 -8.39 -24.94
CA ARG B 19 -6.76 -7.59 -24.89
C ARG B 19 -6.48 -6.82 -26.18
N THR B 20 -5.91 -5.63 -26.04
CA THR B 20 -5.60 -4.86 -27.22
C THR B 20 -4.11 -4.75 -27.49
N LEU B 21 -3.79 -4.53 -28.76
CA LEU B 21 -2.45 -4.26 -29.21
C LEU B 21 -2.51 -2.90 -29.90
N VAL B 22 -1.48 -2.08 -29.69
CA VAL B 22 -1.41 -0.73 -30.25
C VAL B 22 -0.11 -0.61 -31.05
N MET B 23 -0.19 -0.01 -32.23
CA MET B 23 0.98 0.22 -33.05
C MET B 23 1.38 1.70 -32.97
N THR B 24 2.67 1.96 -32.91
CA THR B 24 3.16 3.32 -32.81
C THR B 24 4.43 3.51 -33.67
N SER B 25 4.56 4.67 -34.33
CA SER B 25 5.68 4.93 -35.28
C SER B 25 5.77 3.85 -36.33
N MET B 26 4.64 3.43 -36.86
CA MET B 26 4.64 2.20 -37.67
C MET B 26 4.25 2.58 -39.11
N PRO B 27 5.15 2.35 -40.09
CA PRO B 27 4.86 2.64 -41.52
C PRO B 27 3.66 1.84 -42.00
N SER B 28 2.89 2.45 -42.91
CA SER B 28 1.65 1.91 -43.45
C SER B 28 1.76 0.44 -43.83
N GLU B 29 2.82 0.08 -44.54
CA GLU B 29 2.93 -1.29 -45.06
C GLU B 29 3.11 -2.35 -43.94
N LYS B 30 3.83 -1.99 -42.87
CA LYS B 30 3.95 -2.84 -41.71
C LYS B 30 2.66 -2.91 -40.91
N GLN B 31 1.91 -1.81 -40.82
CA GLN B 31 0.63 -1.87 -40.16
C GLN B 31 -0.28 -2.89 -40.87
N ASN B 32 -0.22 -2.93 -42.19
CA ASN B 32 -1.07 -3.87 -42.89
C ASN B 32 -0.72 -5.31 -42.52
N VAL B 33 0.56 -5.59 -42.39
CA VAL B 33 1.00 -6.94 -42.07
C VAL B 33 0.51 -7.31 -40.66
N VAL B 34 0.66 -6.39 -39.69
CA VAL B 34 0.23 -6.67 -38.33
C VAL B 34 -1.29 -6.94 -38.32
N ILE B 35 -2.07 -6.09 -38.99
CA ILE B 35 -3.53 -6.35 -39.16
C ILE B 35 -3.76 -7.78 -39.71
N GLN B 36 -3.01 -8.15 -40.75
CA GLN B 36 -3.16 -9.50 -41.36
C GLN B 36 -2.78 -10.62 -40.40
N VAL B 37 -1.68 -10.43 -39.64
CA VAL B 37 -1.25 -11.46 -38.69
C VAL B 37 -2.23 -11.60 -37.53
N VAL B 38 -2.74 -10.48 -37.03
CA VAL B 38 -3.72 -10.55 -35.94
C VAL B 38 -5.00 -11.26 -36.43
N ASP B 39 -5.36 -11.02 -37.70
CA ASP B 39 -6.50 -11.68 -38.32
C ASP B 39 -6.22 -13.19 -38.41
N LYS B 40 -4.98 -13.56 -38.70
CA LYS B 40 -4.64 -14.99 -38.76
C LYS B 40 -4.54 -15.66 -37.38
N LEU B 41 -3.86 -15.00 -36.44
CA LEU B 41 -3.55 -15.64 -35.17
C LEU B 41 -4.59 -15.41 -34.10
N LYS B 42 -5.45 -14.39 -34.31
CA LYS B 42 -6.47 -13.99 -33.32
C LYS B 42 -5.78 -13.53 -32.03
N GLY B 43 -6.52 -13.47 -30.91
CA GLY B 43 -5.96 -13.14 -29.60
C GLY B 43 -5.86 -11.67 -29.20
N PHE B 44 -6.11 -10.75 -30.14
CA PHE B 44 -6.00 -9.33 -29.88
C PHE B 44 -7.03 -8.61 -30.72
N SER B 45 -7.45 -7.44 -30.27
CA SER B 45 -8.04 -6.43 -31.15
C SER B 45 -7.01 -5.32 -31.26
N ILE B 46 -6.88 -4.72 -32.43
CA ILE B 46 -5.96 -3.60 -32.61
C ILE B 46 -6.69 -2.33 -32.21
N ALA B 47 -6.07 -1.52 -31.34
CA ALA B 47 -6.66 -0.24 -30.92
C ALA B 47 -5.75 0.91 -31.30
N PRO B 48 -6.33 2.11 -31.51
CA PRO B 48 -5.49 3.24 -31.95
C PRO B 48 -4.65 3.86 -30.80
N ASP B 49 -5.08 3.69 -29.55
CA ASP B 49 -4.40 4.30 -28.40
C ASP B 49 -4.35 3.34 -27.23
N VAL B 50 -3.23 3.41 -26.51
CA VAL B 50 -3.06 2.61 -25.30
C VAL B 50 -4.18 2.93 -24.30
N CYS B 51 -4.85 1.88 -23.82
CA CYS B 51 -5.90 2.05 -22.83
C CYS B 51 -5.84 0.89 -21.84
N GLU B 52 -6.86 0.81 -20.99
CA GLU B 52 -6.96 -0.19 -19.94
C GLU B 52 -6.79 -1.65 -20.39
N THR B 53 -7.19 -1.96 -21.62
CA THR B 53 -7.06 -3.31 -22.15
C THR B 53 -5.72 -3.62 -22.87
N THR B 54 -4.88 -2.61 -23.03
CA THR B 54 -3.69 -2.80 -23.83
C THR B 54 -2.60 -3.55 -23.09
N THR B 55 -2.12 -4.63 -23.71
CA THR B 55 -1.02 -5.38 -23.12
C THR B 55 0.27 -5.29 -23.91
N HIS B 56 0.13 -4.93 -25.20
CA HIS B 56 1.24 -5.01 -26.15
C HIS B 56 1.23 -3.74 -26.99
N VAL B 57 2.39 -3.10 -27.08
CA VAL B 57 2.60 -1.95 -27.95
C VAL B 57 3.72 -2.34 -28.89
N LEU B 58 3.51 -2.16 -30.19
CA LEU B 58 4.54 -2.44 -31.18
C LEU B 58 5.03 -1.14 -31.77
N SER B 59 6.33 -0.90 -31.69
CA SER B 59 6.97 0.34 -32.12
C SER B 59 7.83 0.06 -33.35
N GLY B 60 7.57 0.77 -34.45
CA GLY B 60 8.34 0.56 -35.68
C GLY B 60 9.61 1.38 -35.73
N LYS B 61 9.74 2.37 -34.85
CA LYS B 61 10.94 3.24 -34.78
C LYS B 61 11.16 3.63 -33.34
N PRO B 62 12.42 3.78 -32.93
CA PRO B 62 12.73 4.06 -31.50
C PRO B 62 12.38 5.47 -31.02
N LEU B 63 11.13 5.87 -31.18
CA LEU B 63 10.68 7.19 -30.83
C LEU B 63 9.75 7.16 -29.62
N ARG B 64 9.92 8.17 -28.76
CA ARG B 64 9.14 8.26 -27.54
C ARG B 64 7.81 8.96 -27.83
N THR B 65 6.86 8.23 -28.43
CA THR B 65 5.53 8.74 -28.67
C THR B 65 4.70 8.70 -27.40
N LEU B 66 3.55 9.37 -27.39
CA LEU B 66 2.61 9.25 -26.27
C LEU B 66 2.15 7.81 -25.99
N ASN B 67 1.93 7.03 -27.04
CA ASN B 67 1.57 5.66 -26.85
C ASN B 67 2.68 4.81 -26.21
N VAL B 68 3.94 5.07 -26.56
CA VAL B 68 5.03 4.45 -25.84
C VAL B 68 4.99 4.84 -24.34
N LEU B 69 4.79 6.12 -24.06
CA LEU B 69 4.75 6.59 -22.65
C LEU B 69 3.63 5.96 -21.85
N LEU B 70 2.43 5.94 -22.43
CA LEU B 70 1.31 5.26 -21.81
C LEU B 70 1.56 3.74 -21.67
N GLY B 71 2.16 3.13 -22.69
CA GLY B 71 2.55 1.72 -22.66
C GLY B 71 3.48 1.44 -21.47
N ILE B 72 4.50 2.26 -21.32
CA ILE B 72 5.39 2.12 -20.17
C ILE B 72 4.64 2.32 -18.82
N ALA B 73 3.87 3.41 -18.71
CA ALA B 73 3.11 3.68 -17.47
C ALA B 73 2.20 2.50 -17.08
N ARG B 74 1.62 1.82 -18.08
CA ARG B 74 0.77 0.64 -17.85
C ARG B 74 1.54 -0.69 -17.76
N GLY B 75 2.84 -0.65 -17.99
CA GLY B 75 3.64 -1.91 -17.92
C GLY B 75 3.30 -2.88 -19.04
N CYS B 76 2.94 -2.34 -20.21
CA CYS B 76 2.83 -3.14 -21.42
C CYS B 76 4.17 -3.69 -21.90
N TRP B 77 4.10 -4.76 -22.72
CA TRP B 77 5.23 -5.18 -23.50
C TRP B 77 5.40 -4.10 -24.58
N VAL B 78 6.60 -3.59 -24.75
CA VAL B 78 6.87 -2.64 -25.82
C VAL B 78 7.87 -3.31 -26.75
N LEU B 79 7.41 -3.72 -27.95
CA LEU B 79 8.12 -4.74 -28.72
C LEU B 79 8.43 -4.29 -30.15
N SER B 80 9.41 -4.94 -30.77
CA SER B 80 9.69 -4.65 -32.20
C SER B 80 8.67 -5.39 -33.07
N TYR B 81 8.57 -4.92 -34.29
CA TYR B 81 7.72 -5.50 -35.32
C TYR B 81 8.16 -6.91 -35.60
N ASP B 82 9.43 -7.22 -35.34
CA ASP B 82 9.95 -8.55 -35.53
C ASP B 82 9.24 -9.63 -34.74
N TRP B 83 8.62 -9.26 -33.62
CA TRP B 83 7.86 -10.20 -32.80
C TRP B 83 6.68 -10.75 -33.63
N VAL B 84 6.07 -9.87 -34.42
CA VAL B 84 4.93 -10.25 -35.32
C VAL B 84 5.37 -11.22 -36.43
N LEU B 85 6.50 -10.93 -37.07
CA LEU B 85 7.03 -11.73 -38.16
C LEU B 85 7.40 -13.13 -37.67
N TRP B 86 8.08 -13.21 -36.52
CA TRP B 86 8.34 -14.50 -35.88
C TRP B 86 7.15 -15.26 -35.34
N SER B 87 6.16 -14.56 -34.79
CA SER B 87 4.93 -15.21 -34.39
C SER B 87 4.21 -15.82 -35.61
N LEU B 88 4.16 -15.07 -36.71
CA LEU B 88 3.58 -15.60 -37.97
C LEU B 88 4.35 -16.84 -38.40
N GLU B 89 5.67 -16.77 -38.35
CA GLU B 89 6.50 -17.88 -38.79
C GLU B 89 6.28 -19.15 -37.97
N LEU B 90 6.07 -19.00 -36.67
CA LEU B 90 5.93 -20.11 -35.76
C LEU B 90 4.49 -20.54 -35.51
N GLY B 91 3.54 -19.81 -36.09
CA GLY B 91 2.16 -20.21 -36.02
C GLY B 91 1.37 -19.83 -34.79
N HIS B 92 1.96 -19.01 -33.90
CA HIS B 92 1.30 -18.57 -32.66
C HIS B 92 2.08 -17.41 -32.04
N TRP B 93 1.43 -16.63 -31.16
CA TRP B 93 2.15 -15.53 -30.47
C TRP B 93 3.27 -16.10 -29.56
N ILE B 94 4.51 -15.74 -29.82
CA ILE B 94 5.65 -16.31 -29.12
C ILE B 94 6.06 -15.47 -27.91
N SER B 95 7.05 -15.97 -27.15
CA SER B 95 7.59 -15.21 -26.03
C SER B 95 7.95 -13.77 -26.45
N GLU B 96 7.48 -12.78 -25.71
CA GLU B 96 7.75 -11.38 -25.97
C GLU B 96 9.16 -10.90 -25.62
N GLU B 97 9.73 -11.38 -24.51
CA GLU B 97 10.97 -10.75 -24.04
C GLU B 97 12.14 -10.63 -25.04
N PRO B 98 12.35 -11.62 -25.94
CA PRO B 98 13.47 -11.41 -26.88
C PRO B 98 13.30 -10.20 -27.80
N PHE B 99 12.09 -9.66 -27.90
CA PHE B 99 11.80 -8.54 -28.82
C PHE B 99 11.49 -7.25 -28.08
N GLU B 100 11.54 -7.33 -26.75
CA GLU B 100 11.33 -6.16 -25.95
C GLU B 100 12.39 -5.08 -26.23
N LEU B 101 11.93 -3.84 -26.37
CA LEU B 101 12.78 -2.73 -26.82
C LEU B 101 13.49 -2.08 -25.61
N SER B 102 14.25 -2.89 -24.88
CA SER B 102 14.92 -2.45 -23.65
C SER B 102 16.06 -1.46 -23.86
N HIS B 103 16.76 -1.58 -24.99
CA HIS B 103 17.84 -0.67 -25.34
C HIS B 103 17.28 0.73 -25.59
N HIS B 104 16.22 0.81 -26.40
CA HIS B 104 15.61 2.09 -26.68
C HIS B 104 14.80 2.67 -25.53
N PHE B 105 14.18 1.80 -24.73
CA PHE B 105 13.28 2.27 -23.69
C PHE B 105 13.57 1.47 -22.42
N PRO B 106 14.67 1.79 -21.71
CA PRO B 106 15.05 1.05 -20.49
C PRO B 106 13.96 0.93 -19.42
N ALA B 107 13.03 1.88 -19.34
CA ALA B 107 11.92 1.75 -18.37
C ALA B 107 10.84 0.69 -18.72
N ALA B 108 10.72 0.36 -20.00
CA ALA B 108 9.73 -0.60 -20.46
C ALA B 108 9.83 -1.95 -19.73
N PRO B 109 11.01 -2.58 -19.74
CA PRO B 109 11.03 -3.89 -19.05
C PRO B 109 10.83 -3.76 -17.55
N LEU B 110 11.25 -2.65 -16.98
CA LEU B 110 11.16 -2.46 -15.52
C LEU B 110 9.70 -2.41 -15.13
N CYS B 111 8.92 -1.60 -15.86
CA CYS B 111 7.50 -1.50 -15.60
C CYS B 111 6.70 -2.74 -15.97
N ARG B 112 7.09 -3.38 -17.08
CA ARG B 112 6.44 -4.62 -17.51
C ARG B 112 6.65 -5.74 -16.47
N SER B 113 7.87 -5.88 -15.99
CA SER B 113 8.16 -6.89 -14.95
C SER B 113 7.32 -6.64 -13.68
N GLU B 114 7.31 -5.39 -13.22
CA GLU B 114 6.49 -4.96 -12.06
C GLU B 114 5.02 -5.30 -12.28
N CYS B 115 4.52 -4.95 -13.46
CA CYS B 115 3.14 -5.27 -13.82
C CYS B 115 2.83 -6.77 -13.74
N HIS B 116 3.67 -7.61 -14.32
CA HIS B 116 3.36 -9.04 -14.38
C HIS B 116 3.48 -9.75 -13.02
N LEU B 117 4.32 -9.20 -12.13
CA LEU B 117 4.49 -9.70 -10.75
C LEU B 117 3.40 -9.23 -9.78
N SER B 118 2.67 -8.18 -10.15
CA SER B 118 1.63 -7.60 -9.33
C SER B 118 0.50 -8.61 -9.15
N ALA B 119 0.20 -8.96 -7.89
CA ALA B 119 -0.82 -9.98 -7.61
C ALA B 119 -2.19 -9.48 -8.05
N GLY B 120 -2.45 -8.20 -7.81
CA GLY B 120 -3.68 -7.57 -8.27
C GLY B 120 -3.43 -6.60 -9.42
N PRO B 121 -4.48 -5.85 -9.83
CA PRO B 121 -4.38 -4.77 -10.82
C PRO B 121 -3.16 -3.92 -10.58
N TYR B 122 -2.31 -3.79 -11.59
CA TYR B 122 -1.06 -3.02 -11.44
C TYR B 122 -1.27 -1.54 -11.48
N ARG B 123 -0.58 -0.85 -10.58
CA ARG B 123 -0.45 0.58 -10.70
C ARG B 123 0.97 0.96 -10.32
N GLY B 124 1.59 1.79 -11.15
CA GLY B 124 2.97 2.14 -10.96
C GLY B 124 3.03 3.04 -9.75
N THR B 125 4.22 3.15 -9.15
CA THR B 125 4.38 3.97 -7.98
C THR B 125 5.54 4.93 -8.10
N LEU B 126 6.08 5.15 -9.31
CA LEU B 126 7.16 6.14 -9.50
C LEU B 126 6.93 7.52 -8.80
N PHE B 127 5.71 8.05 -8.85
CA PHE B 127 5.40 9.34 -8.23
C PHE B 127 4.64 9.19 -6.89
N ALA B 128 4.60 7.98 -6.32
CA ALA B 128 3.83 7.71 -5.06
C ALA B 128 4.26 8.54 -3.85
N ASP B 129 5.51 9.00 -3.86
CA ASP B 129 6.11 9.79 -2.77
C ASP B 129 6.08 11.29 -3.04
N GLN B 130 5.71 11.66 -4.26
CA GLN B 130 5.73 13.06 -4.67
C GLN B 130 4.50 13.81 -4.17
N PRO B 131 4.64 15.13 -3.96
CA PRO B 131 3.52 16.01 -3.70
C PRO B 131 2.56 16.05 -4.90
N ALA B 132 1.31 16.44 -4.67
CA ALA B 132 0.32 16.55 -5.74
C ALA B 132 0.73 17.59 -6.78
N MET B 133 0.32 17.36 -8.03
CA MET B 133 0.71 18.24 -9.14
C MET B 133 -0.46 18.90 -9.86
N PHE B 134 -0.25 20.14 -10.30
CA PHE B 134 -1.21 20.81 -11.16
C PHE B 134 -0.63 20.81 -12.54
N VAL B 135 -1.40 20.30 -13.50
CA VAL B 135 -0.96 20.25 -14.89
C VAL B 135 -1.49 21.47 -15.69
N SER B 136 -0.59 22.24 -16.34
CA SER B 136 -1.02 23.40 -17.18
C SER B 136 -2.02 22.99 -18.28
N PRO B 137 -3.09 23.78 -18.51
CA PRO B 137 -4.02 23.42 -19.60
C PRO B 137 -3.31 23.45 -20.96
N ALA B 138 -2.24 24.21 -21.08
CA ALA B 138 -1.53 24.41 -22.36
C ALA B 138 -0.39 23.43 -22.60
N SER B 139 -0.36 22.36 -21.80
CA SER B 139 0.79 21.45 -21.79
C SER B 139 0.92 20.61 -23.06
N SER B 140 2.16 20.33 -23.45
CA SER B 140 2.43 19.29 -24.42
C SER B 140 3.16 18.17 -23.68
N PRO B 141 2.65 16.91 -23.74
CA PRO B 141 1.46 16.41 -24.43
C PRO B 141 0.18 16.95 -23.79
N PRO B 142 -0.97 16.78 -24.45
CA PRO B 142 -2.26 17.32 -24.03
C PRO B 142 -2.59 17.00 -22.57
N VAL B 143 -3.25 17.92 -21.89
CA VAL B 143 -3.48 17.82 -20.44
C VAL B 143 -4.15 16.53 -19.91
N ALA B 144 -5.23 16.06 -20.55
CA ALA B 144 -5.90 14.85 -20.04
C ALA B 144 -4.92 13.66 -20.00
N LYS B 145 -4.09 13.57 -21.03
CA LYS B 145 -3.18 12.45 -21.25
C LYS B 145 -2.02 12.54 -20.30
N LEU B 146 -1.52 13.76 -20.08
CA LEU B 146 -0.44 14.00 -19.11
C LEU B 146 -0.91 13.70 -17.68
N CYS B 147 -2.16 14.02 -17.35
CA CYS B 147 -2.75 13.62 -16.06
C CYS B 147 -2.89 12.11 -15.92
N GLU B 148 -3.31 11.45 -16.99
CA GLU B 148 -3.36 9.99 -17.01
C GLU B 148 -1.96 9.43 -16.70
N LEU B 149 -0.93 9.95 -17.36
CA LEU B 149 0.44 9.46 -17.13
C LEU B 149 0.87 9.59 -15.65
N VAL B 150 0.59 10.74 -15.07
CA VAL B 150 0.85 10.98 -13.65
C VAL B 150 0.11 9.99 -12.76
N HIS B 151 -1.20 9.88 -12.93
CA HIS B 151 -1.99 8.92 -12.15
C HIS B 151 -1.48 7.46 -12.29
N LEU B 152 -1.23 7.04 -13.53
CA LEU B 152 -0.78 5.66 -13.81
C LEU B 152 0.56 5.35 -13.16
N CYS B 153 1.41 6.34 -13.05
CA CYS B 153 2.73 6.16 -12.42
C CYS B 153 2.66 6.49 -10.91
N GLY B 154 1.44 6.49 -10.38
CA GLY B 154 1.23 6.56 -8.92
C GLY B 154 1.14 7.95 -8.32
N GLY B 155 1.09 8.98 -9.16
CA GLY B 155 1.00 10.37 -8.69
C GLY B 155 -0.41 10.89 -8.50
N ARG B 156 -0.54 12.09 -7.91
CA ARG B 156 -1.83 12.76 -7.66
C ARG B 156 -1.88 14.04 -8.46
N VAL B 157 -2.99 14.27 -9.17
CA VAL B 157 -3.22 15.50 -9.93
C VAL B 157 -4.16 16.48 -9.19
N SER B 158 -3.78 17.74 -9.15
CA SER B 158 -4.62 18.76 -8.55
C SER B 158 -5.48 19.47 -9.59
N GLN B 159 -6.78 19.60 -9.30
CA GLN B 159 -7.73 20.31 -10.18
C GLN B 159 -7.34 21.79 -10.43
N VAL B 160 -6.73 22.43 -9.42
CA VAL B 160 -6.46 23.88 -9.41
C VAL B 160 -5.04 24.17 -8.89
N PRO B 161 -4.46 25.33 -9.27
CA PRO B 161 -3.10 25.64 -8.79
C PRO B 161 -3.05 25.94 -7.30
N ARG B 162 -4.19 26.29 -6.71
CA ARG B 162 -4.26 26.64 -5.28
C ARG B 162 -3.89 25.44 -4.39
N GLN B 163 -2.92 25.65 -3.50
CA GLN B 163 -2.44 24.63 -2.55
C GLN B 163 -1.57 23.50 -3.14
N ALA B 164 -1.20 23.64 -4.42
CA ALA B 164 -0.37 22.64 -5.10
C ALA B 164 1.10 23.05 -5.12
N SER B 165 1.97 22.13 -4.73
CA SER B 165 3.42 22.40 -4.64
C SER B 165 4.14 22.31 -5.97
N ILE B 166 3.57 21.54 -6.90
CA ILE B 166 4.20 21.37 -8.20
C ILE B 166 3.17 21.79 -9.29
N VAL B 167 3.65 22.59 -10.24
CA VAL B 167 2.86 23.02 -11.39
C VAL B 167 3.59 22.63 -12.63
N ILE B 168 2.91 21.84 -13.46
CA ILE B 168 3.50 21.29 -14.67
C ILE B 168 3.09 22.07 -15.95
N GLY B 169 4.07 22.53 -16.72
CA GLY B 169 3.82 23.05 -18.09
C GLY B 169 3.79 24.58 -18.19
N PRO B 170 3.44 25.12 -19.38
CA PRO B 170 3.47 26.60 -19.50
C PRO B 170 2.51 27.27 -18.50
N TYR B 171 3.02 28.30 -17.80
CA TYR B 171 2.24 28.98 -16.75
C TYR B 171 2.66 30.44 -16.74
N SER B 172 1.72 31.32 -17.07
CA SER B 172 2.05 32.73 -17.12
C SER B 172 1.38 33.53 -16.00
N GLY B 173 0.60 32.86 -15.14
CA GLY B 173 0.01 33.50 -13.96
C GLY B 173 1.05 33.76 -12.84
N LYS B 174 0.53 34.05 -11.63
CA LYS B 174 1.35 34.53 -10.52
C LYS B 174 2.15 33.42 -9.85
N LYS B 175 3.48 33.48 -9.94
CA LYS B 175 4.35 32.47 -9.29
C LYS B 175 4.47 32.62 -7.76
N LYS B 176 4.34 31.50 -7.05
CA LYS B 176 4.51 31.44 -5.59
C LYS B 176 5.87 30.77 -5.24
N ALA B 177 6.42 31.11 -4.07
CA ALA B 177 7.79 30.72 -3.74
C ALA B 177 7.86 29.33 -3.12
N THR B 178 6.77 28.88 -2.52
CA THR B 178 6.73 27.52 -1.98
C THR B 178 6.25 26.52 -3.03
N VAL B 179 6.24 26.95 -4.29
CA VAL B 179 5.80 26.10 -5.42
C VAL B 179 6.84 25.95 -6.50
N LYS B 180 6.96 24.72 -6.99
CA LYS B 180 7.85 24.42 -8.10
C LYS B 180 7.07 24.39 -9.44
N TYR B 181 7.61 25.09 -10.42
CA TYR B 181 7.07 25.20 -11.77
C TYR B 181 8.00 24.47 -12.71
N LEU B 182 7.52 23.33 -13.21
CA LEU B 182 8.38 22.38 -13.91
C LEU B 182 7.87 22.09 -15.31
N SER B 183 8.78 21.95 -16.27
CA SER B 183 8.38 21.58 -17.65
C SER B 183 7.71 20.21 -17.69
N GLU B 184 6.84 20.00 -18.69
CA GLU B 184 6.20 18.70 -18.86
C GLU B 184 7.23 17.60 -18.95
N LYS B 185 8.39 17.91 -19.51
CA LYS B 185 9.47 16.93 -19.67
C LYS B 185 9.97 16.36 -18.35
N TRP B 186 9.69 17.04 -17.24
CA TRP B 186 10.10 16.52 -15.95
C TRP B 186 9.35 15.20 -15.69
N VAL B 187 8.07 15.21 -16.03
CA VAL B 187 7.24 14.01 -15.93
C VAL B 187 7.70 12.98 -16.97
N LEU B 188 7.88 13.43 -18.22
CA LEU B 188 8.23 12.51 -19.32
C LEU B 188 9.60 11.88 -19.07
N ASP B 189 10.60 12.68 -18.72
CA ASP B 189 11.92 12.11 -18.45
C ASP B 189 11.96 11.18 -17.23
N SER B 190 11.18 11.50 -16.20
CA SER B 190 11.11 10.65 -15.02
C SER B 190 10.58 9.29 -15.40
N ILE B 191 9.50 9.27 -16.19
CA ILE B 191 8.89 8.03 -16.67
C ILE B 191 9.91 7.21 -17.52
N THR B 192 10.56 7.84 -18.49
CA THR B 192 11.53 7.08 -19.31
C THR B 192 12.84 6.70 -18.59
N GLN B 193 13.25 7.45 -17.58
CA GLN B 193 14.39 7.03 -16.78
C GLN B 193 14.01 6.10 -15.62
N HIS B 194 12.71 5.87 -15.44
CA HIS B 194 12.17 5.09 -14.28
C HIS B 194 12.74 5.62 -12.95
N LYS B 195 12.84 6.94 -12.82
CA LYS B 195 13.41 7.60 -11.64
C LYS B 195 13.05 9.09 -11.69
N VAL B 196 12.59 9.61 -10.57
CA VAL B 196 12.17 11.01 -10.50
C VAL B 196 13.37 11.92 -10.76
N CYS B 197 13.34 12.69 -11.84
CA CYS B 197 14.47 13.54 -12.17
C CYS B 197 14.63 14.68 -11.16
N ALA B 198 15.85 15.20 -11.11
CA ALA B 198 16.15 16.41 -10.36
C ALA B 198 15.43 17.61 -10.99
N PRO B 199 14.72 18.40 -10.16
CA PRO B 199 13.89 19.49 -10.65
C PRO B 199 14.65 20.60 -11.35
N GLU B 200 15.91 20.81 -10.97
CA GLU B 200 16.71 21.96 -11.45
C GLU B 200 16.70 22.15 -12.96
N ASN B 201 17.01 21.08 -13.70
CA ASN B 201 17.08 21.16 -15.16
C ASN B 201 15.75 21.36 -15.87
N TYR B 202 14.64 21.36 -15.12
CA TYR B 202 13.29 21.45 -15.69
C TYR B 202 12.50 22.65 -15.18
N LEU B 203 13.19 23.64 -14.62
CA LEU B 203 12.52 24.81 -14.06
C LEU B 203 11.92 25.73 -15.13
N LEU B 204 10.71 26.19 -14.85
CA LEU B 204 9.96 27.16 -15.66
C LEU B 204 9.71 26.69 -17.10
N THR C 18 -11.70 -8.56 30.23
CA THR C 18 -12.80 -7.58 30.35
C THR C 18 -13.36 -7.18 28.96
N ARG C 19 -12.80 -7.72 27.86
CA ARG C 19 -13.37 -7.45 26.51
C ARG C 19 -14.85 -7.81 26.40
N THR C 20 -15.60 -6.96 25.72
CA THR C 20 -17.02 -7.20 25.56
C THR C 20 -17.44 -7.50 24.12
N LEU C 21 -18.54 -8.22 24.04
CA LEU C 21 -19.20 -8.56 22.80
C LEU C 21 -20.58 -7.99 22.91
N VAL C 22 -21.08 -7.38 21.83
CA VAL C 22 -22.41 -6.78 21.81
C VAL C 22 -23.20 -7.40 20.66
N MET C 23 -24.45 -7.76 20.92
CA MET C 23 -25.36 -8.28 19.92
C MET C 23 -26.34 -7.23 19.45
N THR C 24 -26.60 -7.21 18.15
CA THR C 24 -27.52 -6.25 17.61
C THR C 24 -28.38 -6.96 16.58
N SER C 25 -29.66 -6.59 16.53
CA SER C 25 -30.63 -7.19 15.61
C SER C 25 -30.64 -8.69 15.72
N MET C 26 -30.55 -9.18 16.96
CA MET C 26 -30.39 -10.61 17.19
C MET C 26 -31.69 -11.20 17.76
N PRO C 27 -32.28 -12.21 17.08
CA PRO C 27 -33.47 -12.90 17.61
C PRO C 27 -33.17 -13.50 18.99
N SER C 28 -34.17 -13.52 19.86
CA SER C 28 -34.01 -14.06 21.21
C SER C 28 -33.39 -15.45 21.25
N GLU C 29 -33.74 -16.31 20.32
CA GLU C 29 -33.27 -17.70 20.32
C GLU C 29 -31.75 -17.78 20.01
N LYS C 30 -31.30 -16.93 19.10
CA LYS C 30 -29.87 -16.86 18.82
C LYS C 30 -29.14 -16.15 19.94
N GLN C 31 -29.76 -15.13 20.52
CA GLN C 31 -29.21 -14.52 21.74
C GLN C 31 -28.89 -15.56 22.82
N ASN C 32 -29.82 -16.47 23.09
CA ASN C 32 -29.52 -17.50 24.08
C ASN C 32 -28.34 -18.41 23.71
N VAL C 33 -28.24 -18.79 22.44
CA VAL C 33 -27.10 -19.59 22.03
C VAL C 33 -25.78 -18.83 22.24
N VAL C 34 -25.75 -17.55 21.87
CA VAL C 34 -24.55 -16.74 22.10
C VAL C 34 -24.22 -16.71 23.61
N ILE C 35 -25.23 -16.47 24.46
CA ILE C 35 -25.03 -16.53 25.92
C ILE C 35 -24.42 -17.87 26.33
N GLN C 36 -24.91 -18.96 25.76
CA GLN C 36 -24.43 -20.28 26.13
C GLN C 36 -23.03 -20.52 25.63
N VAL C 37 -22.73 -20.01 24.44
CA VAL C 37 -21.41 -20.27 23.88
C VAL C 37 -20.34 -19.46 24.61
N VAL C 38 -20.68 -18.23 24.98
CA VAL C 38 -19.77 -17.39 25.76
C VAL C 38 -19.54 -18.06 27.14
N ASP C 39 -20.62 -18.55 27.76
CA ASP C 39 -20.46 -19.30 29.00
C ASP C 39 -19.52 -20.49 28.86
N LYS C 40 -19.57 -21.19 27.71
CA LYS C 40 -18.70 -22.33 27.51
C LYS C 40 -17.25 -21.94 27.18
N LEU C 41 -17.08 -21.04 26.21
CA LEU C 41 -15.78 -20.67 25.73
C LEU C 41 -15.06 -19.61 26.56
N LYS C 42 -15.80 -18.87 27.38
CA LYS C 42 -15.28 -17.73 28.16
C LYS C 42 -14.68 -16.67 27.25
N GLY C 43 -13.81 -15.82 27.80
CA GLY C 43 -13.08 -14.85 26.97
C GLY C 43 -13.76 -13.54 26.64
N PHE C 44 -15.04 -13.43 26.96
CA PHE C 44 -15.84 -12.23 26.71
C PHE C 44 -16.82 -12.04 27.84
N SER C 45 -17.22 -10.80 28.03
CA SER C 45 -18.41 -10.47 28.78
C SER C 45 -19.40 -9.88 27.75
N ILE C 46 -20.67 -10.24 27.84
CA ILE C 46 -21.68 -9.67 26.94
C ILE C 46 -22.21 -8.34 27.50
N ALA C 47 -22.19 -7.29 26.68
CA ALA C 47 -22.70 -5.99 27.07
C ALA C 47 -23.90 -5.59 26.19
N PRO C 48 -24.80 -4.73 26.71
CA PRO C 48 -25.94 -4.32 25.89
C PRO C 48 -25.58 -3.23 24.85
N ASP C 49 -24.53 -2.45 25.09
CA ASP C 49 -24.14 -1.39 24.15
C ASP C 49 -22.64 -1.33 23.90
N VAL C 50 -22.25 -0.97 22.69
CA VAL C 50 -20.83 -0.89 22.34
C VAL C 50 -20.19 0.21 23.18
N CYS C 51 -19.05 -0.09 23.80
CA CYS C 51 -18.32 0.89 24.61
C CYS C 51 -16.83 0.66 24.41
N GLU C 52 -16.01 1.34 25.21
CA GLU C 52 -14.55 1.25 25.04
C GLU C 52 -13.97 -0.16 25.11
N THR C 53 -14.64 -1.05 25.85
CA THR C 53 -14.12 -2.42 25.99
C THR C 53 -14.56 -3.37 24.85
N THR C 54 -15.53 -2.95 24.02
CA THR C 54 -16.11 -3.84 23.00
C THR C 54 -15.16 -4.07 21.84
N THR C 55 -14.91 -5.33 21.51
CA THR C 55 -14.07 -5.61 20.35
C THR C 55 -14.85 -6.31 19.21
N HIS C 56 -16.05 -6.82 19.53
CA HIS C 56 -16.80 -7.74 18.66
C HIS C 56 -18.28 -7.35 18.74
N VAL C 57 -18.89 -7.14 17.58
CA VAL C 57 -20.32 -6.85 17.48
C VAL C 57 -20.93 -7.92 16.58
N LEU C 58 -21.96 -8.60 17.08
CA LEU C 58 -22.62 -9.62 16.27
C LEU C 58 -23.96 -9.06 15.80
N SER C 59 -24.17 -9.07 14.49
CA SER C 59 -25.40 -8.60 13.87
C SER C 59 -26.19 -9.76 13.29
N GLY C 60 -27.44 -9.89 13.73
CA GLY C 60 -28.34 -10.94 13.23
C GLY C 60 -28.99 -10.55 11.90
N LYS C 61 -29.08 -9.25 11.62
CA LYS C 61 -29.64 -8.76 10.38
C LYS C 61 -28.87 -7.56 9.82
N PRO C 62 -28.95 -7.36 8.50
CA PRO C 62 -28.30 -6.22 7.83
C PRO C 62 -28.76 -4.81 8.24
N LEU C 63 -29.16 -4.59 9.48
CA LEU C 63 -29.67 -3.30 9.88
C LEU C 63 -28.59 -2.38 10.45
N ARG C 64 -28.64 -1.11 10.04
CA ARG C 64 -27.77 -0.10 10.59
C ARG C 64 -28.32 0.45 11.90
N THR C 65 -28.01 -0.25 13.00
CA THR C 65 -28.39 0.17 14.32
C THR C 65 -27.30 1.03 14.92
N LEU C 66 -27.63 1.65 16.05
CA LEU C 66 -26.68 2.50 16.74
C LEU C 66 -25.45 1.69 17.20
N ASN C 67 -25.66 0.44 17.62
CA ASN C 67 -24.51 -0.41 18.00
C ASN C 67 -23.60 -0.79 16.80
N VAL C 68 -24.20 -1.03 15.63
CA VAL C 68 -23.39 -1.26 14.44
C VAL C 68 -22.53 -0.03 14.15
N LEU C 69 -23.15 1.15 14.22
CA LEU C 69 -22.50 2.40 13.89
C LEU C 69 -21.35 2.68 14.86
N LEU C 70 -21.60 2.45 16.14
CA LEU C 70 -20.56 2.62 17.15
C LEU C 70 -19.49 1.57 17.01
N GLY C 71 -19.87 0.34 16.66
CA GLY C 71 -18.89 -0.74 16.38
C GLY C 71 -17.96 -0.37 15.22
N ILE C 72 -18.52 0.22 14.17
CA ILE C 72 -17.73 0.73 13.04
C ILE C 72 -16.82 1.90 13.47
N ALA C 73 -17.37 2.89 14.18
CA ALA C 73 -16.58 4.02 14.68
C ALA C 73 -15.35 3.57 15.50
N ARG C 74 -15.52 2.54 16.33
CA ARG C 74 -14.44 1.98 17.14
C ARG C 74 -13.57 0.91 16.45
N GLY C 75 -13.87 0.62 15.18
CA GLY C 75 -13.13 -0.40 14.43
C GLY C 75 -13.33 -1.81 15.00
N CYS C 76 -14.51 -2.09 15.54
CA CYS C 76 -14.82 -3.46 16.02
C CYS C 76 -14.95 -4.43 14.86
N TRP C 77 -14.77 -5.72 15.18
CA TRP C 77 -15.24 -6.79 14.31
C TRP C 77 -16.77 -6.74 14.28
N VAL C 78 -17.34 -6.68 13.09
CA VAL C 78 -18.79 -6.73 12.95
C VAL C 78 -19.10 -8.01 12.18
N LEU C 79 -19.65 -9.02 12.87
CA LEU C 79 -19.62 -10.39 12.41
C LEU C 79 -20.98 -11.07 12.38
N SER C 80 -21.07 -12.11 11.55
CA SER C 80 -22.25 -12.99 11.55
C SER C 80 -22.29 -13.90 12.80
N TYR C 81 -23.52 -14.22 13.20
CA TYR C 81 -23.84 -15.27 14.17
C TYR C 81 -23.09 -16.58 13.86
N ASP C 82 -22.86 -16.88 12.60
CA ASP C 82 -22.10 -18.08 12.22
C ASP C 82 -20.69 -18.20 12.83
N TRP C 83 -20.05 -17.06 13.11
CA TRP C 83 -18.77 -17.08 13.81
C TRP C 83 -18.88 -17.80 15.16
N VAL C 84 -19.96 -17.54 15.88
CA VAL C 84 -20.23 -18.19 17.16
C VAL C 84 -20.43 -19.71 17.00
N LEU C 85 -21.16 -20.09 15.98
CA LEU C 85 -21.54 -21.49 15.80
C LEU C 85 -20.30 -22.29 15.48
N TRP C 86 -19.42 -21.73 14.64
CA TRP C 86 -18.19 -22.43 14.24
C TRP C 86 -17.17 -22.39 15.33
N SER C 87 -17.20 -21.33 16.16
CA SER C 87 -16.30 -21.28 17.30
C SER C 87 -16.64 -22.36 18.32
N LEU C 88 -17.94 -22.57 18.54
CA LEU C 88 -18.39 -23.62 19.45
C LEU C 88 -17.92 -24.96 18.85
N GLU C 89 -18.21 -25.18 17.57
CA GLU C 89 -17.78 -26.40 16.86
C GLU C 89 -16.28 -26.71 17.05
N LEU C 90 -15.43 -25.68 16.92
CA LEU C 90 -13.99 -25.85 17.04
C LEU C 90 -13.42 -25.73 18.43
N GLY C 91 -14.28 -25.41 19.41
CA GLY C 91 -13.86 -25.35 20.80
C GLY C 91 -13.02 -24.17 21.23
N HIS C 92 -13.01 -23.11 20.42
CA HIS C 92 -12.27 -21.88 20.73
C HIS C 92 -12.73 -20.77 19.77
N TRP C 93 -12.49 -19.53 20.15
CA TRP C 93 -12.85 -18.40 19.27
C TRP C 93 -11.96 -18.39 18.04
N ILE C 94 -12.55 -18.50 16.86
CA ILE C 94 -11.82 -18.66 15.62
C ILE C 94 -11.54 -17.31 14.92
N SER C 95 -10.73 -17.35 13.87
CA SER C 95 -10.52 -16.17 13.01
C SER C 95 -11.82 -15.51 12.61
N GLU C 96 -11.88 -14.19 12.75
CA GLU C 96 -13.08 -13.42 12.56
C GLU C 96 -13.31 -13.08 11.07
N GLU C 97 -12.21 -12.88 10.35
CA GLU C 97 -12.27 -12.38 8.98
C GLU C 97 -13.28 -13.12 8.07
N PRO C 98 -13.31 -14.46 8.11
CA PRO C 98 -14.24 -15.13 7.21
C PRO C 98 -15.71 -14.86 7.49
N PHE C 99 -16.01 -14.26 8.64
CA PHE C 99 -17.40 -13.98 9.05
C PHE C 99 -17.75 -12.51 9.16
N GLU C 100 -16.82 -11.65 8.77
CA GLU C 100 -17.07 -10.22 8.80
C GLU C 100 -18.10 -9.82 7.73
N LEU C 101 -18.99 -8.92 8.13
CA LEU C 101 -20.15 -8.50 7.35
C LEU C 101 -19.79 -7.31 6.42
N SER C 102 -18.76 -7.52 5.60
CA SER C 102 -18.27 -6.52 4.66
C SER C 102 -19.28 -6.18 3.58
N HIS C 103 -20.12 -7.13 3.18
CA HIS C 103 -21.14 -6.85 2.17
C HIS C 103 -22.23 -5.92 2.68
N HIS C 104 -22.80 -6.24 3.84
CA HIS C 104 -23.81 -5.38 4.44
C HIS C 104 -23.23 -4.07 4.95
N PHE C 105 -21.99 -4.12 5.44
CA PHE C 105 -21.38 -2.96 6.08
C PHE C 105 -19.96 -2.73 5.55
N PRO C 106 -19.83 -2.15 4.33
CA PRO C 106 -18.48 -2.00 3.74
C PRO C 106 -17.52 -1.20 4.59
N ALA C 107 -18.03 -0.26 5.39
CA ALA C 107 -17.18 0.55 6.28
C ALA C 107 -16.53 -0.24 7.41
N ALA C 108 -17.16 -1.33 7.83
CA ALA C 108 -16.66 -2.12 8.95
C ALA C 108 -15.24 -2.70 8.72
N PRO C 109 -15.00 -3.45 7.61
CA PRO C 109 -13.61 -3.91 7.46
C PRO C 109 -12.61 -2.77 7.33
N LEU C 110 -13.04 -1.61 6.82
CA LEU C 110 -12.11 -0.48 6.58
C LEU C 110 -11.62 0.10 7.90
N CYS C 111 -12.55 0.34 8.82
CA CYS C 111 -12.22 0.85 10.14
C CYS C 111 -11.55 -0.23 10.98
N ARG C 112 -12.04 -1.46 10.86
CA ARG C 112 -11.47 -2.55 11.62
C ARG C 112 -9.97 -2.67 11.28
N SER C 113 -9.68 -2.66 9.98
CA SER C 113 -8.29 -2.74 9.48
C SER C 113 -7.38 -1.58 9.97
N GLU C 114 -7.83 -0.33 9.81
CA GLU C 114 -7.18 0.88 10.35
C GLU C 114 -6.85 0.73 11.84
N CYS C 115 -7.84 0.25 12.60
CA CYS C 115 -7.69 0.08 14.04
C CYS C 115 -6.60 -0.94 14.39
N HIS C 116 -6.71 -2.13 13.83
CA HIS C 116 -5.72 -3.16 14.12
C HIS C 116 -4.32 -2.77 13.65
N LEU C 117 -4.22 -2.02 12.57
CA LEU C 117 -2.90 -1.58 12.10
C LEU C 117 -2.27 -0.42 12.89
N SER C 118 -3.07 0.26 13.71
CA SER C 118 -2.61 1.40 14.51
C SER C 118 -1.57 0.96 15.55
N ALA C 119 -0.42 1.61 15.58
CA ALA C 119 0.58 1.34 16.63
C ALA C 119 0.09 1.84 18.00
N GLY C 120 -0.27 3.13 18.07
CA GLY C 120 -0.92 3.69 19.26
C GLY C 120 -2.43 3.44 19.25
N PRO C 121 -3.15 4.00 20.26
CA PRO C 121 -4.62 3.89 20.34
C PRO C 121 -5.27 4.46 19.08
N TYR C 122 -6.27 3.76 18.57
CA TYR C 122 -6.89 4.13 17.32
C TYR C 122 -7.98 5.19 17.50
N ARG C 123 -8.01 6.12 16.58
CA ARG C 123 -9.13 7.00 16.44
C ARG C 123 -9.31 7.22 14.94
N GLY C 124 -10.53 7.07 14.46
CA GLY C 124 -10.87 7.37 13.08
C GLY C 124 -10.55 8.83 12.72
N THR C 125 -10.31 9.05 11.43
CA THR C 125 -10.01 10.38 10.90
C THR C 125 -11.01 10.82 9.81
N LEU C 126 -12.14 10.11 9.71
CA LEU C 126 -13.19 10.48 8.75
C LEU C 126 -13.53 11.98 8.79
N PHE C 127 -13.74 12.53 10.00
CA PHE C 127 -14.09 13.95 10.15
C PHE C 127 -12.91 14.89 10.50
N ALA C 128 -11.68 14.39 10.42
CA ALA C 128 -10.49 15.18 10.85
C ALA C 128 -10.31 16.51 10.13
N ASP C 129 -10.77 16.62 8.89
CA ASP C 129 -10.74 17.89 8.13
C ASP C 129 -12.01 18.76 8.26
N GLN C 130 -12.97 18.36 9.07
CA GLN C 130 -14.19 19.14 9.19
C GLN C 130 -14.05 20.21 10.29
N PRO C 131 -14.79 21.33 10.16
CA PRO C 131 -14.70 22.35 11.21
C PRO C 131 -15.47 21.87 12.45
N ALA C 132 -15.27 22.53 13.59
CA ALA C 132 -15.94 22.15 14.84
C ALA C 132 -17.44 21.99 14.61
N MET C 133 -18.01 20.96 15.23
CA MET C 133 -19.46 20.66 15.14
C MET C 133 -20.14 20.83 16.52
N PHE C 134 -21.36 21.32 16.50
CA PHE C 134 -22.17 21.41 17.71
C PHE C 134 -23.40 20.57 17.43
N VAL C 135 -23.66 19.60 18.30
CA VAL C 135 -24.81 18.72 18.12
C VAL C 135 -25.93 19.21 19.03
N SER C 136 -27.12 19.33 18.44
CA SER C 136 -28.23 19.84 19.16
C SER C 136 -28.50 18.92 20.34
N PRO C 137 -28.74 19.50 21.52
CA PRO C 137 -29.20 18.69 22.66
C PRO C 137 -30.47 17.91 22.31
N ALA C 138 -31.18 18.33 21.27
CA ALA C 138 -32.43 17.68 20.86
C ALA C 138 -32.33 16.71 19.70
N SER C 139 -31.12 16.21 19.40
CA SER C 139 -30.96 15.28 18.27
C SER C 139 -31.50 13.86 18.51
N SER C 140 -31.72 13.20 17.39
CA SER C 140 -32.02 11.79 17.28
C SER C 140 -31.11 11.17 16.20
N PRO C 141 -30.32 10.12 16.53
CA PRO C 141 -30.04 9.47 17.81
C PRO C 141 -29.63 10.45 18.89
N PRO C 142 -29.80 10.05 20.17
CA PRO C 142 -29.46 10.87 21.34
C PRO C 142 -28.12 11.59 21.24
N VAL C 143 -28.11 12.84 21.68
CA VAL C 143 -26.97 13.75 21.55
C VAL C 143 -25.64 13.19 22.09
N ALA C 144 -25.67 12.59 23.28
CA ALA C 144 -24.47 11.98 23.82
C ALA C 144 -23.91 10.92 22.86
N LYS C 145 -24.79 10.17 22.20
CA LYS C 145 -24.38 9.08 21.30
C LYS C 145 -23.86 9.61 19.96
N LEU C 146 -24.58 10.58 19.42
CA LEU C 146 -24.16 11.25 18.19
C LEU C 146 -22.84 12.00 18.37
N CYS C 147 -22.64 12.65 19.51
CA CYS C 147 -21.36 13.28 19.84
C CYS C 147 -20.22 12.27 19.92
N GLU C 148 -20.51 11.14 20.54
CA GLU C 148 -19.54 10.04 20.61
C GLU C 148 -19.11 9.60 19.21
N LEU C 149 -20.08 9.34 18.34
CA LEU C 149 -19.81 8.94 16.95
C LEU C 149 -18.92 9.96 16.25
N VAL C 150 -19.32 11.24 16.34
CA VAL C 150 -18.54 12.28 15.71
C VAL C 150 -17.12 12.27 16.21
N HIS C 151 -16.96 12.27 17.55
CA HIS C 151 -15.64 12.27 18.16
C HIS C 151 -14.84 11.01 17.81
N LEU C 152 -15.47 9.85 17.92
CA LEU C 152 -14.82 8.59 17.59
C LEU C 152 -14.30 8.57 16.14
N CYS C 153 -15.02 9.24 15.23
CA CYS C 153 -14.63 9.31 13.82
C CYS C 153 -13.77 10.56 13.51
N GLY C 154 -13.21 11.16 14.56
CA GLY C 154 -12.18 12.21 14.44
C GLY C 154 -12.69 13.62 14.23
N GLY C 155 -13.97 13.84 14.51
CA GLY C 155 -14.54 15.17 14.43
C GLY C 155 -14.28 15.91 15.73
N ARG C 156 -14.35 17.23 15.67
CA ARG C 156 -14.24 18.07 16.86
C ARG C 156 -15.67 18.40 17.27
N VAL C 157 -16.01 18.10 18.52
CA VAL C 157 -17.33 18.41 19.05
C VAL C 157 -17.18 19.63 19.93
N SER C 158 -18.02 20.63 19.67
CA SER C 158 -18.01 21.84 20.49
C SER C 158 -19.27 21.88 21.35
N GLN C 159 -19.07 22.01 22.65
CA GLN C 159 -20.19 22.11 23.60
C GLN C 159 -20.78 23.52 23.58
N VAL C 160 -20.00 24.48 23.06
CA VAL C 160 -20.44 25.88 22.84
C VAL C 160 -20.78 26.09 21.35
N PRO C 161 -22.04 26.50 21.03
CA PRO C 161 -22.46 26.66 19.61
C PRO C 161 -21.84 27.87 18.86
N ARG C 162 -21.33 28.88 19.57
CA ARG C 162 -20.77 30.08 18.92
C ARG C 162 -19.54 29.76 18.07
N GLN C 163 -18.76 28.76 18.48
CA GLN C 163 -17.55 28.37 17.76
C GLN C 163 -17.80 27.28 16.69
N ALA C 164 -19.06 27.05 16.33
CA ALA C 164 -19.40 25.93 15.46
C ALA C 164 -19.74 26.32 14.04
N SER C 165 -19.09 25.68 13.06
CA SER C 165 -19.40 25.96 11.66
C SER C 165 -20.41 25.00 11.10
N ILE C 166 -20.60 23.87 11.81
CA ILE C 166 -21.65 22.91 11.45
C ILE C 166 -22.50 22.69 12.70
N VAL C 167 -23.81 22.74 12.51
CA VAL C 167 -24.75 22.49 13.60
C VAL C 167 -25.56 21.28 13.18
N ILE C 168 -25.53 20.25 14.04
CA ILE C 168 -26.22 18.99 13.73
C ILE C 168 -27.49 18.84 14.60
N GLY C 169 -28.61 18.57 13.95
CA GLY C 169 -29.84 18.33 14.66
C GLY C 169 -30.73 19.54 14.80
N PRO C 170 -31.87 19.41 15.53
CA PRO C 170 -32.89 20.45 15.49
C PRO C 170 -32.32 21.74 16.01
N TYR C 171 -32.65 22.82 15.31
CA TYR C 171 -32.18 24.13 15.70
C TYR C 171 -33.23 25.09 15.20
N SER C 172 -33.61 26.03 16.07
CA SER C 172 -34.75 26.90 15.81
C SER C 172 -34.38 28.28 16.31
N GLY C 173 -33.08 28.47 16.53
CA GLY C 173 -32.57 29.77 16.95
C GLY C 173 -32.15 30.60 15.73
N LYS C 174 -31.21 31.50 15.97
CA LYS C 174 -30.77 32.44 14.97
C LYS C 174 -29.73 31.77 14.05
N LYS C 175 -30.15 31.48 12.82
CA LYS C 175 -29.31 30.82 11.79
C LYS C 175 -28.37 31.76 11.04
N LYS C 176 -27.08 31.48 11.14
CA LYS C 176 -26.08 32.26 10.44
C LYS C 176 -25.86 31.75 9.00
N ALA C 177 -25.60 32.67 8.08
CA ALA C 177 -25.31 32.29 6.69
C ALA C 177 -23.94 31.63 6.60
N THR C 178 -23.11 31.83 7.62
CA THR C 178 -21.76 31.26 7.66
C THR C 178 -21.69 29.86 8.28
N VAL C 179 -22.84 29.25 8.54
CA VAL C 179 -22.88 27.99 9.28
C VAL C 179 -23.72 27.03 8.48
N LYS C 180 -23.35 25.75 8.46
CA LYS C 180 -24.19 24.76 7.78
C LYS C 180 -25.04 23.96 8.79
N TYR C 181 -26.33 23.89 8.49
CA TYR C 181 -27.33 23.25 9.36
C TYR C 181 -27.74 21.97 8.66
N LEU C 182 -27.25 20.86 9.19
CA LEU C 182 -27.40 19.53 8.56
C LEU C 182 -28.09 18.55 9.49
N SER C 183 -28.80 17.59 8.91
CA SER C 183 -29.45 16.55 9.70
C SER C 183 -28.43 15.61 10.32
N GLU C 184 -28.86 14.91 11.36
CA GLU C 184 -28.10 13.80 11.93
C GLU C 184 -27.69 12.78 10.89
N LYS C 185 -28.54 12.58 9.89
CA LYS C 185 -28.26 11.59 8.86
C LYS C 185 -26.98 11.86 8.04
N TRP C 186 -26.54 13.11 8.01
CA TRP C 186 -25.27 13.47 7.34
C TRP C 186 -24.12 12.72 8.01
N VAL C 187 -24.14 12.72 9.34
CA VAL C 187 -23.14 12.01 10.13
C VAL C 187 -23.21 10.50 9.86
N LEU C 188 -24.42 9.94 9.95
CA LEU C 188 -24.62 8.49 9.92
C LEU C 188 -24.28 7.92 8.56
N ASP C 189 -24.74 8.59 7.51
CA ASP C 189 -24.44 8.17 6.17
C ASP C 189 -22.93 8.23 5.86
N SER C 190 -22.25 9.23 6.39
CA SER C 190 -20.81 9.40 6.14
C SER C 190 -20.03 8.23 6.74
N ILE C 191 -20.42 7.83 7.95
CA ILE C 191 -19.81 6.69 8.64
C ILE C 191 -20.01 5.40 7.86
N THR C 192 -21.24 5.11 7.44
CA THR C 192 -21.50 3.88 6.70
C THR C 192 -20.85 3.88 5.32
N GLN C 193 -20.65 5.06 4.74
CA GLN C 193 -20.00 5.15 3.44
C GLN C 193 -18.48 5.29 3.51
N HIS C 194 -17.94 5.46 4.72
CA HIS C 194 -16.52 5.72 4.99
C HIS C 194 -15.97 6.89 4.14
N LYS C 195 -16.78 7.93 4.00
CA LYS C 195 -16.45 9.09 3.16
C LYS C 195 -17.46 10.18 3.51
N VAL C 196 -16.96 11.39 3.70
CA VAL C 196 -17.82 12.50 4.10
C VAL C 196 -18.78 12.82 2.97
N CYS C 197 -20.08 12.74 3.26
CA CYS C 197 -21.11 13.00 2.27
C CYS C 197 -21.11 14.49 1.92
N ALA C 198 -21.57 14.78 0.71
CA ALA C 198 -21.79 16.15 0.26
C ALA C 198 -22.93 16.78 1.08
N PRO C 199 -22.64 17.93 1.74
CA PRO C 199 -23.55 18.72 2.58
C PRO C 199 -24.92 18.95 1.93
N GLU C 200 -24.90 19.12 0.61
CA GLU C 200 -26.05 19.59 -0.16
C GLU C 200 -27.33 18.78 0.07
N ASN C 201 -27.18 17.46 0.10
CA ASN C 201 -28.34 16.57 0.26
C ASN C 201 -28.97 16.48 1.65
N TYR C 202 -28.35 17.14 2.64
CA TYR C 202 -28.75 16.97 4.04
C TYR C 202 -29.14 18.28 4.73
N LEU C 203 -29.48 19.30 3.95
CA LEU C 203 -29.66 20.64 4.52
C LEU C 203 -30.90 20.81 5.40
#